data_8T1C
#
_entry.id   8T1C
#
_cell.length_a   1.00
_cell.length_b   1.00
_cell.length_c   1.00
_cell.angle_alpha   90.00
_cell.angle_beta   90.00
_cell.angle_gamma   90.00
#
_symmetry.space_group_name_H-M   'P 1'
#
loop_
_entity.id
_entity.type
_entity.pdbx_description
1 polymer 'Transient receptor potential cation channel subfamily V member 4-Enhanced green fluorescent protein chimera'
2 polymer 'Transforming protein RhoA'
3 non-polymer "GUANOSINE-5'-DIPHOSPHATE"
#
loop_
_entity_poly.entity_id
_entity_poly.type
_entity_poly.pdbx_seq_one_letter_code
_entity_poly.pdbx_strand_id
1 'polypeptide(L)'
;MADSSEGPRAGPGEVAELPGDESGTPGGEAFPLSSLANLFEGEDGSLSPSPADASRPAGPGDGRPNLRMKFQGAFRKGVP
NPIDLLESTLYESSVVPGPKKAPMDSLFDYGTYRHHSSDNKRWRKKIIEKQPQSPKAPAPQPPPILKVFNRPILFDIVSR
GSTADLDGLLPFLLTHKKRLTDEEFREPSTGKTCLPKALLNLSNGRNDTIPVLLDIAERTGNMREFINSPFRDIYYRGQT
ALHIAIERRCKHYVELLVAQGADVHAQARGRFFQPKDEGGYFYFGELPLSLAACTNQPHIVNYLTENPHKKADMRRQDSR
GNTVLHALVAIADNTRENTKFVTKMYDLLLLKCARLFPDSNLEAVLNNDGLSPLMMAAKTGKIGIFQHIIRREVTDEDTR
HLSRKFKDWAYGPVYSSLYDLSSLDTCGEEASVLEILVYNSKIENRHEMLAVEPINELLRDKWRKFGAVSFYINVVSYLC
AMVIFTLTAYYQPLEGTPPYPYRTTVDYLRLAGEVITLFTGVLFFFTNIKDLFMKKCPGVNSLFIDGSFQLLYFIYSVLV
IVSAALYLAGIEAYLAVMVFALVLGWMNALYFTRGLKLTGTYSIMIQKILFKDLFRFLLVYLLFMIGYASALVSLLNPCA
NMKVCNEDQTNCTVPTYPSCRDSETFSTFLLDLFKLTIGMGDLEMLSSTKYPVVFIILLVTYIILTFVLLLNMLIALMGE
TVGQVSKESKHIWKLQWATTILDIERSFPVFLRKAFRSGEMVTVGKSSDGTPDRRWCFRVDEVNWSHWNQNLGIINEDPG
KNETYQYYGFSHTVGRLRRDRWSSVVPRVVELNKNSNPDEVVVPLDSMGNPRCDGHQQGYPRKWRTDDAPLLVPRGSAAA
AVSKGEELFTGVVPILVELDGDVNGHKFSVSGEGEGDATYGKLTLKFICTTGKLPVPWPTLVTTLTYGVQCFSRYPDHMK
QHDFFKSAMPEGYVQERTIFFKDDGNYKTRAEVKFEGDTLVNRIELKGIDFKEDGNILGHKLEYNYNSHNVYIMADKQKN
GIKVNFKIRHNIEDGSVQLADHYQQNTPIGDGPVLLPDNHYLSTQSKLSKDPNEKRDHMVLLEFVTAAGITLGMDELYKS
GLRSWSHPQFEK
;
A
2 'polypeptide(L)'
;MAAIRKKLVIVGDGACGKTCLLIVFSKDQFPEVYVPTVFENYVADIEVDGKQVELALWDTAGQEDYDRLRPLSYPDTDVI
LMCFSIDSPDSLENIPEKWTPEVKHFCPNVPIILVGNKKDLRNDEHTRRELAKMKQEPVKPEEGRDMANRIGAFGYMECS
AKTKDGVREVFEMATRAALQARRGKKKSGCLVL
;
E
#
# COMPACT_ATOMS: atom_id res chain seq x y z
N VAL A 148 -22.00 -2.34 -19.95
CA VAL A 148 -21.59 -3.61 -20.59
C VAL A 148 -20.75 -4.40 -19.61
N PHE A 149 -19.88 -3.70 -18.87
CA PHE A 149 -18.94 -4.32 -17.94
C PHE A 149 -19.17 -3.77 -16.54
N ASN A 150 -20.05 -4.42 -15.80
CA ASN A 150 -20.17 -4.23 -14.36
C ASN A 150 -19.19 -5.18 -13.68
N ARG A 151 -19.22 -5.18 -12.36
CA ARG A 151 -18.41 -6.12 -11.59
C ARG A 151 -18.76 -7.57 -11.90
N PRO A 152 -20.01 -8.02 -11.72
CA PRO A 152 -20.26 -9.47 -11.74
C PRO A 152 -20.03 -10.09 -13.10
N ILE A 153 -20.37 -9.33 -14.15
CA ILE A 153 -20.35 -9.87 -15.51
C ILE A 153 -18.93 -10.23 -15.92
N LEU A 154 -17.93 -9.57 -15.35
CA LEU A 154 -16.55 -9.78 -15.77
C LEU A 154 -15.83 -10.74 -14.83
N PHE A 155 -16.06 -10.60 -13.51
CA PHE A 155 -15.56 -11.59 -12.57
C PHE A 155 -16.05 -12.98 -12.91
N ASP A 156 -17.24 -13.07 -13.51
CA ASP A 156 -17.67 -14.30 -14.14
C ASP A 156 -16.69 -14.70 -15.25
N ILE A 157 -16.34 -13.76 -16.13
CA ILE A 157 -15.52 -14.08 -17.29
C ILE A 157 -14.15 -14.58 -16.87
N VAL A 158 -13.57 -13.96 -15.84
CA VAL A 158 -12.18 -14.21 -15.51
C VAL A 158 -12.09 -15.51 -14.73
N SER A 159 -13.12 -15.82 -13.95
CA SER A 159 -13.22 -17.13 -13.31
C SER A 159 -13.44 -18.19 -14.37
N ARG A 160 -14.14 -17.82 -15.44
CA ARG A 160 -14.53 -18.80 -16.45
C ARG A 160 -13.35 -19.16 -17.34
N GLY A 161 -12.38 -18.26 -17.45
CA GLY A 161 -11.16 -18.53 -18.16
C GLY A 161 -11.16 -18.15 -19.62
N SER A 162 -11.98 -17.18 -20.02
CA SER A 162 -12.20 -16.86 -21.44
C SER A 162 -11.53 -15.53 -21.78
N THR A 163 -10.36 -15.64 -22.41
CA THR A 163 -9.74 -14.51 -23.08
C THR A 163 -10.15 -14.49 -24.55
N ALA A 164 -11.45 -14.64 -24.79
CA ALA A 164 -11.99 -14.74 -26.15
C ALA A 164 -13.24 -13.89 -26.35
N ASP A 165 -13.80 -13.37 -25.26
CA ASP A 165 -15.08 -12.66 -25.29
C ASP A 165 -15.01 -11.26 -24.71
N LEU A 166 -13.99 -10.94 -23.90
CA LEU A 166 -13.90 -9.63 -23.29
C LEU A 166 -13.18 -8.63 -24.18
N ASP A 167 -13.14 -8.88 -25.49
CA ASP A 167 -12.63 -7.89 -26.43
C ASP A 167 -13.58 -6.71 -26.48
N GLY A 168 -13.18 -5.63 -25.81
CA GLY A 168 -14.06 -4.50 -25.61
C GLY A 168 -13.84 -3.80 -24.29
N LEU A 169 -13.07 -4.41 -23.37
CA LEU A 169 -12.56 -3.67 -22.21
C LEU A 169 -11.90 -2.38 -22.64
N LEU A 170 -10.87 -2.46 -23.49
CA LEU A 170 -10.07 -1.28 -23.81
C LEU A 170 -10.90 -0.19 -24.47
N PRO A 171 -11.70 -0.44 -25.53
CA PRO A 171 -12.50 0.65 -26.10
C PRO A 171 -13.69 1.08 -25.25
N PHE A 172 -13.94 0.38 -24.15
CA PHE A 172 -15.00 0.75 -23.21
C PHE A 172 -14.40 1.39 -21.97
N LEU A 173 -13.26 0.86 -21.54
CA LEU A 173 -12.62 1.29 -20.30
C LEU A 173 -11.67 2.45 -20.54
N LEU A 174 -11.63 2.96 -21.78
CA LEU A 174 -10.78 4.08 -22.15
C LEU A 174 -11.65 5.25 -22.60
N THR A 175 -12.78 4.96 -23.25
CA THR A 175 -13.71 5.99 -23.67
C THR A 175 -14.50 6.53 -22.48
N HIS A 176 -14.80 5.66 -21.51
CA HIS A 176 -15.46 6.07 -20.28
C HIS A 176 -14.46 6.56 -19.24
N LYS A 177 -13.17 6.30 -19.47
CA LYS A 177 -12.10 6.81 -18.61
C LYS A 177 -12.25 6.28 -17.19
N LYS A 178 -12.31 4.96 -17.06
CA LYS A 178 -12.29 4.28 -15.76
C LYS A 178 -11.05 3.38 -15.72
N ARG A 179 -10.88 2.63 -14.64
CA ARG A 179 -9.72 1.76 -14.47
C ARG A 179 -10.10 0.46 -13.77
N LEU A 180 -9.28 -0.56 -13.94
CA LEU A 180 -9.58 -1.91 -13.45
C LEU A 180 -9.43 -2.05 -11.95
N THR A 181 -9.02 -0.99 -11.25
CA THR A 181 -8.86 -1.00 -9.81
C THR A 181 -9.78 -0.02 -9.09
N ASP A 182 -10.70 0.63 -9.79
CA ASP A 182 -11.66 1.50 -9.14
C ASP A 182 -12.58 0.69 -8.23
N GLU A 183 -13.24 1.35 -7.30
CA GLU A 183 -14.06 0.66 -6.30
C GLU A 183 -15.31 0.02 -6.89
N GLU A 184 -15.74 0.42 -8.08
CA GLU A 184 -16.93 -0.12 -8.73
C GLU A 184 -16.54 -1.35 -9.55
N PHE A 185 -15.31 -1.83 -9.40
CA PHE A 185 -14.82 -2.94 -10.18
C PHE A 185 -13.99 -3.85 -9.28
N ARG A 186 -14.39 -3.95 -8.01
CA ARG A 186 -13.73 -4.79 -7.03
C ARG A 186 -14.80 -5.38 -6.14
N GLU A 187 -14.53 -6.53 -5.53
CA GLU A 187 -15.48 -7.03 -4.56
C GLU A 187 -15.40 -6.13 -3.33
N PRO A 188 -16.51 -5.86 -2.64
CA PRO A 188 -16.48 -4.76 -1.66
C PRO A 188 -15.89 -5.16 -0.33
N SER A 189 -16.04 -6.43 0.06
CA SER A 189 -15.57 -6.87 1.37
C SER A 189 -14.05 -7.02 1.38
N THR A 190 -13.54 -7.90 0.53
CA THR A 190 -12.12 -8.23 0.50
C THR A 190 -11.30 -7.08 -0.03
N GLY A 191 -11.59 -6.71 -1.28
CA GLY A 191 -10.71 -5.91 -2.10
C GLY A 191 -10.27 -6.72 -3.30
N LYS A 192 -10.91 -7.87 -3.52
CA LYS A 192 -10.45 -8.80 -4.52
C LYS A 192 -10.72 -8.27 -5.92
N THR A 193 -9.64 -8.08 -6.67
CA THR A 193 -9.71 -7.54 -8.02
C THR A 193 -9.75 -8.72 -8.98
N CYS A 194 -9.72 -8.46 -10.28
CA CYS A 194 -9.70 -9.54 -11.27
C CYS A 194 -8.50 -10.46 -11.08
N LEU A 195 -7.29 -9.93 -11.19
CA LEU A 195 -6.03 -10.67 -11.22
C LEU A 195 -5.92 -11.69 -10.10
N PRO A 196 -6.46 -11.45 -8.91
CA PRO A 196 -6.68 -12.56 -7.97
C PRO A 196 -7.70 -13.57 -8.42
N LYS A 197 -8.85 -13.11 -8.94
CA LYS A 197 -9.94 -14.02 -9.23
C LYS A 197 -9.57 -14.99 -10.34
N ALA A 198 -8.72 -14.56 -11.26
CA ALA A 198 -8.18 -15.46 -12.27
C ALA A 198 -7.37 -16.57 -11.62
N LEU A 199 -6.58 -16.22 -10.61
CA LEU A 199 -5.58 -17.13 -10.07
C LEU A 199 -6.15 -18.10 -9.05
N LEU A 200 -7.24 -17.74 -8.36
CA LEU A 200 -7.97 -18.70 -7.55
C LEU A 200 -8.76 -19.67 -8.42
N ASN A 201 -9.37 -19.16 -9.48
CA ASN A 201 -10.12 -19.97 -10.44
C ASN A 201 -9.22 -20.32 -11.62
N LEU A 202 -8.36 -21.30 -11.38
CA LEU A 202 -7.31 -21.67 -12.32
C LEU A 202 -7.65 -22.98 -13.02
N SER A 203 -7.46 -23.01 -14.33
CA SER A 203 -7.68 -24.19 -15.16
C SER A 203 -6.33 -24.83 -15.43
N ASN A 204 -6.14 -26.03 -14.86
CA ASN A 204 -4.97 -26.91 -15.01
C ASN A 204 -3.65 -26.14 -15.12
N GLY A 205 -3.46 -25.18 -14.23
CA GLY A 205 -2.24 -24.41 -14.17
C GLY A 205 -2.18 -23.27 -15.18
N ARG A 206 -3.31 -22.91 -15.78
CA ARG A 206 -3.30 -21.94 -16.87
C ARG A 206 -4.61 -21.20 -17.00
N ASN A 207 -4.66 -20.00 -16.46
CA ASN A 207 -5.68 -18.99 -16.78
C ASN A 207 -5.12 -17.98 -17.78
N ASP A 208 -5.74 -17.88 -18.95
CA ASP A 208 -5.25 -17.03 -20.03
C ASP A 208 -5.79 -15.61 -19.92
N THR A 209 -6.33 -15.24 -18.75
CA THR A 209 -6.90 -13.90 -18.54
C THR A 209 -6.14 -13.09 -17.50
N ILE A 210 -4.89 -13.43 -17.21
CA ILE A 210 -3.95 -12.49 -16.62
C ILE A 210 -3.26 -11.67 -17.70
N PRO A 211 -2.72 -12.27 -18.79
CA PRO A 211 -1.95 -11.47 -19.76
C PRO A 211 -2.72 -10.32 -20.39
N VAL A 212 -3.95 -10.60 -20.86
CA VAL A 212 -4.72 -9.56 -21.52
C VAL A 212 -5.08 -8.45 -20.54
N LEU A 213 -5.54 -8.84 -19.35
CA LEU A 213 -5.90 -7.88 -18.30
C LEU A 213 -4.79 -6.87 -18.07
N LEU A 214 -3.56 -7.35 -17.86
CA LEU A 214 -2.45 -6.46 -17.60
C LEU A 214 -2.17 -5.57 -18.80
N ASP A 215 -2.39 -6.08 -20.01
CA ASP A 215 -2.22 -5.27 -21.21
C ASP A 215 -3.21 -4.11 -21.22
N ILE A 216 -4.46 -4.37 -20.83
CA ILE A 216 -5.41 -3.27 -20.69
C ILE A 216 -5.00 -2.36 -19.55
N ALA A 217 -4.49 -2.93 -18.46
CA ALA A 217 -4.08 -2.11 -17.33
C ALA A 217 -2.91 -1.21 -17.70
N GLU A 218 -2.07 -1.67 -18.62
CA GLU A 218 -1.03 -0.81 -19.18
C GLU A 218 -1.61 0.23 -20.13
N ARG A 219 -2.39 -0.21 -21.12
CA ARG A 219 -2.92 0.70 -22.12
C ARG A 219 -3.90 1.70 -21.52
N THR A 220 -4.51 1.36 -20.39
CA THR A 220 -5.12 2.39 -19.54
C THR A 220 -4.04 3.09 -18.73
N GLY A 221 -3.17 2.30 -18.11
CA GLY A 221 -2.01 2.74 -17.37
C GLY A 221 -2.23 2.55 -15.89
N ASN A 222 -1.92 1.33 -15.44
CA ASN A 222 -1.68 0.99 -14.04
C ASN A 222 -1.17 -0.43 -13.97
N MET A 223 0.09 -0.61 -13.59
CA MET A 223 0.65 -1.93 -13.29
C MET A 223 1.08 -2.06 -11.85
N ARG A 224 1.79 -1.07 -11.33
CA ARG A 224 2.16 -1.05 -9.93
C ARG A 224 1.02 -0.57 -9.03
N GLU A 225 -0.20 -0.48 -9.55
CA GLU A 225 -1.39 -0.24 -8.75
C GLU A 225 -2.45 -1.30 -8.98
N PHE A 226 -2.46 -1.96 -10.13
CA PHE A 226 -3.38 -3.05 -10.41
C PHE A 226 -2.84 -4.39 -9.95
N ILE A 227 -1.53 -4.58 -10.02
CA ILE A 227 -0.90 -5.83 -9.62
C ILE A 227 -0.74 -5.81 -8.10
N ASN A 228 -0.47 -4.63 -7.56
CA ASN A 228 -0.20 -4.47 -6.13
C ASN A 228 -1.44 -4.40 -5.26
N SER A 229 -2.63 -4.19 -5.82
CA SER A 229 -3.83 -3.91 -5.04
C SER A 229 -4.09 -5.03 -4.04
N PRO A 230 -3.83 -4.81 -2.75
CA PRO A 230 -3.92 -5.93 -1.80
C PRO A 230 -5.35 -6.08 -1.31
N PHE A 231 -5.63 -7.14 -0.57
CA PHE A 231 -6.96 -7.26 0.02
C PHE A 231 -6.98 -6.35 1.23
N ARG A 232 -8.12 -5.71 1.47
CA ARG A 232 -8.28 -4.70 2.50
C ARG A 232 -9.31 -5.14 3.53
N ASP A 233 -9.19 -6.40 3.96
CA ASP A 233 -10.08 -6.99 4.95
C ASP A 233 -9.24 -7.61 6.07
N ILE A 234 -9.90 -7.89 7.19
CA ILE A 234 -9.20 -8.30 8.41
C ILE A 234 -9.07 -9.82 8.48
N TYR A 235 -9.26 -10.51 7.36
CA TYR A 235 -9.17 -11.96 7.30
C TYR A 235 -8.43 -12.45 6.05
N TYR A 236 -8.05 -11.55 5.14
CA TYR A 236 -7.20 -11.91 4.01
C TYR A 236 -6.19 -10.80 3.70
N ARG A 237 -5.86 -9.98 4.70
CA ARG A 237 -5.09 -8.76 4.53
C ARG A 237 -3.79 -8.98 3.77
N GLY A 238 -3.33 -7.97 3.04
CA GLY A 238 -2.05 -8.03 2.37
C GLY A 238 -2.02 -8.82 1.06
N GLN A 239 -2.69 -9.97 1.05
CA GLN A 239 -2.61 -10.96 -0.03
C GLN A 239 -2.81 -10.33 -1.40
N THR A 240 -1.74 -10.37 -2.19
CA THR A 240 -1.71 -9.83 -3.54
C THR A 240 -1.98 -10.96 -4.52
N ALA A 241 -1.80 -10.66 -5.81
CA ALA A 241 -1.77 -11.73 -6.79
C ALA A 241 -0.58 -12.65 -6.55
N LEU A 242 0.56 -12.08 -6.20
CA LEU A 242 1.76 -12.87 -5.95
C LEU A 242 1.56 -13.86 -4.82
N HIS A 243 0.97 -13.41 -3.71
CA HIS A 243 0.70 -14.30 -2.59
C HIS A 243 -0.21 -15.45 -3.01
N ILE A 244 -1.01 -15.24 -4.06
CA ILE A 244 -1.87 -16.29 -4.57
C ILE A 244 -1.11 -17.15 -5.57
N ALA A 245 -0.25 -16.52 -6.38
CA ALA A 245 0.43 -17.27 -7.44
C ALA A 245 1.46 -18.24 -6.87
N ILE A 246 1.78 -18.13 -5.58
CA ILE A 246 2.78 -18.99 -4.98
C ILE A 246 2.13 -20.16 -4.26
N GLU A 247 0.97 -19.95 -3.64
CA GLU A 247 0.27 -21.04 -2.98
C GLU A 247 -0.52 -21.90 -3.95
N ARG A 248 -0.91 -21.34 -5.08
CA ARG A 248 -1.41 -22.12 -6.20
C ARG A 248 -0.28 -22.83 -6.96
N ARG A 249 0.98 -22.65 -6.52
CA ARG A 249 2.14 -23.32 -7.09
C ARG A 249 2.30 -22.97 -8.56
N CYS A 250 1.83 -21.78 -8.93
CA CYS A 250 1.86 -21.35 -10.31
C CYS A 250 3.06 -20.45 -10.56
N LYS A 251 4.09 -21.00 -11.20
CA LYS A 251 5.30 -20.27 -11.55
C LYS A 251 5.24 -19.69 -12.96
N HIS A 252 4.24 -20.05 -13.76
CA HIS A 252 4.09 -19.46 -15.09
C HIS A 252 3.88 -17.95 -15.01
N TYR A 253 3.36 -17.47 -13.88
CA TYR A 253 2.86 -16.10 -13.77
C TYR A 253 3.67 -15.28 -12.80
N VAL A 254 4.39 -15.92 -11.87
CA VAL A 254 5.29 -15.16 -10.99
C VAL A 254 6.42 -14.54 -11.81
N GLU A 255 6.86 -15.24 -12.85
CA GLU A 255 7.80 -14.65 -13.80
C GLU A 255 7.18 -13.44 -14.49
N LEU A 256 5.86 -13.44 -14.59
CA LEU A 256 5.15 -12.39 -15.32
C LEU A 256 4.79 -11.23 -14.40
N LEU A 257 4.33 -11.53 -13.19
CA LEU A 257 4.04 -10.50 -12.21
C LEU A 257 5.29 -9.68 -11.88
N VAL A 258 6.32 -10.35 -11.36
CA VAL A 258 7.56 -9.66 -10.98
C VAL A 258 8.19 -8.91 -12.15
N ALA A 259 7.98 -9.36 -13.38
CA ALA A 259 8.49 -8.65 -14.54
C ALA A 259 7.86 -7.28 -14.72
N GLN A 260 6.73 -7.02 -14.05
CA GLN A 260 6.10 -5.71 -14.02
C GLN A 260 6.28 -5.05 -12.65
N GLY A 261 7.12 -5.63 -11.78
CA GLY A 261 7.56 -4.97 -10.57
C GLY A 261 6.53 -5.02 -9.47
N ALA A 262 5.93 -6.18 -9.22
CA ALA A 262 4.76 -6.20 -8.38
C ALA A 262 5.03 -5.83 -6.92
N ASP A 263 5.46 -6.78 -6.11
CA ASP A 263 5.96 -6.54 -4.76
C ASP A 263 6.46 -7.86 -4.23
N VAL A 264 7.75 -7.98 -3.94
CA VAL A 264 8.30 -9.22 -3.41
C VAL A 264 8.56 -9.09 -1.93
N HIS A 265 7.92 -8.11 -1.27
CA HIS A 265 8.07 -7.92 0.16
C HIS A 265 6.75 -7.51 0.83
N ALA A 266 5.61 -7.69 0.17
CA ALA A 266 4.32 -7.41 0.78
C ALA A 266 4.14 -8.30 2.01
N GLN A 267 3.21 -7.94 2.89
CA GLN A 267 3.08 -8.59 4.19
C GLN A 267 1.62 -8.95 4.43
N ALA A 268 1.32 -10.24 4.40
CA ALA A 268 -0.02 -10.75 4.67
C ALA A 268 -0.23 -10.80 6.18
N ARG A 269 -0.66 -9.67 6.74
CA ARG A 269 -0.87 -9.53 8.17
C ARG A 269 -2.21 -10.08 8.64
N GLY A 270 -3.00 -10.67 7.75
CA GLY A 270 -4.39 -10.94 8.08
C GLY A 270 -4.54 -12.05 9.10
N ARG A 271 -5.67 -12.05 9.78
CA ARG A 271 -5.92 -12.98 10.87
C ARG A 271 -5.91 -14.42 10.38
N PHE A 272 -6.17 -14.64 9.10
CA PHE A 272 -6.04 -15.98 8.53
C PHE A 272 -4.58 -16.35 8.37
N PHE A 273 -3.78 -15.44 7.83
CA PHE A 273 -2.36 -15.70 7.62
C PHE A 273 -1.61 -15.41 8.92
N GLN A 274 -2.04 -16.05 10.01
CA GLN A 274 -1.58 -15.75 11.34
C GLN A 274 -1.54 -17.06 12.12
N PRO A 275 -0.55 -17.28 13.03
CA PRO A 275 -0.30 -18.64 13.53
C PRO A 275 -1.47 -19.35 14.20
N LYS A 276 -1.32 -20.66 14.43
CA LYS A 276 -2.34 -21.50 15.04
C LYS A 276 -2.20 -21.46 16.56
N ASP A 277 -2.07 -20.26 17.11
CA ASP A 277 -2.18 -20.02 18.55
C ASP A 277 -2.88 -18.70 18.79
N GLU A 278 -3.43 -18.09 17.74
CA GLU A 278 -3.90 -16.72 17.75
C GLU A 278 -5.32 -16.57 17.24
N GLY A 279 -5.89 -17.62 16.65
CA GLY A 279 -7.14 -17.51 15.92
C GLY A 279 -6.85 -17.44 14.43
N GLY A 280 -6.01 -18.36 13.98
CA GLY A 280 -5.58 -18.37 12.60
C GLY A 280 -5.23 -19.78 12.19
N TYR A 281 -4.80 -19.91 10.94
CA TYR A 281 -4.65 -21.21 10.29
C TYR A 281 -3.23 -21.51 9.85
N PHE A 282 -2.59 -20.56 9.18
CA PHE A 282 -1.31 -20.81 8.51
C PHE A 282 -0.45 -19.57 8.57
N TYR A 283 0.73 -19.70 9.18
CA TYR A 283 1.71 -18.63 9.30
C TYR A 283 2.96 -19.00 8.52
N PHE A 284 3.24 -18.24 7.47
CA PHE A 284 4.37 -18.50 6.58
C PHE A 284 5.42 -17.43 6.69
N GLY A 285 5.50 -16.74 7.84
CA GLY A 285 6.13 -15.44 7.85
C GLY A 285 5.05 -14.47 7.44
N GLU A 286 5.40 -13.51 6.59
CA GLU A 286 4.37 -12.71 5.94
C GLU A 286 4.70 -12.37 4.49
N LEU A 287 5.84 -12.82 4.01
CA LEU A 287 6.40 -12.39 2.74
C LEU A 287 6.06 -13.39 1.65
N PRO A 288 6.21 -13.00 0.38
CA PRO A 288 6.10 -13.99 -0.69
C PRO A 288 7.25 -14.99 -0.70
N LEU A 289 8.47 -14.53 -0.46
CA LEU A 289 9.60 -15.45 -0.40
C LEU A 289 9.41 -16.49 0.69
N SER A 290 8.90 -16.08 1.84
CA SER A 290 8.78 -17.01 2.96
C SER A 290 7.66 -18.01 2.71
N LEU A 291 6.74 -17.68 1.81
CA LEU A 291 5.66 -18.61 1.47
C LEU A 291 6.17 -19.68 0.53
N ALA A 292 6.87 -19.26 -0.53
CA ALA A 292 7.50 -20.21 -1.43
C ALA A 292 8.49 -21.09 -0.68
N ALA A 293 9.13 -20.54 0.35
CA ALA A 293 10.02 -21.34 1.17
C ALA A 293 9.25 -22.26 2.09
N CYS A 294 8.18 -21.76 2.72
CA CYS A 294 7.37 -22.57 3.61
C CYS A 294 6.26 -23.34 2.88
N THR A 295 6.40 -23.54 1.58
CA THR A 295 5.52 -24.42 0.81
C THR A 295 6.32 -25.26 -0.18
N ASN A 296 7.61 -25.46 0.10
CA ASN A 296 8.44 -26.38 -0.65
C ASN A 296 8.47 -26.05 -2.14
N GLN A 297 9.03 -24.89 -2.49
CA GLN A 297 9.13 -24.46 -3.88
C GLN A 297 10.53 -23.92 -4.13
N PRO A 298 11.53 -24.81 -4.22
CA PRO A 298 12.89 -24.35 -4.54
C PRO A 298 13.01 -23.62 -5.86
N HIS A 299 12.04 -23.79 -6.76
CA HIS A 299 12.15 -23.18 -8.08
C HIS A 299 11.70 -21.73 -8.05
N ILE A 300 10.95 -21.33 -7.03
CA ILE A 300 10.49 -19.95 -6.91
C ILE A 300 11.39 -19.16 -5.97
N VAL A 301 11.81 -19.79 -4.87
CA VAL A 301 12.85 -19.20 -4.01
C VAL A 301 14.09 -18.88 -4.84
N ASN A 302 14.43 -19.75 -5.78
CA ASN A 302 15.60 -19.52 -6.62
C ASN A 302 15.29 -18.56 -7.76
N TYR A 303 14.04 -18.09 -7.85
CA TYR A 303 13.71 -17.03 -8.79
C TYR A 303 13.74 -15.67 -8.11
N LEU A 304 12.99 -15.52 -7.01
CA LEU A 304 12.82 -14.24 -6.34
C LEU A 304 14.12 -13.64 -5.83
N THR A 305 15.18 -14.45 -5.71
CA THR A 305 16.47 -13.99 -5.21
C THR A 305 17.54 -13.94 -6.30
N GLU A 306 17.18 -14.16 -7.56
CA GLU A 306 18.13 -14.07 -8.67
C GLU A 306 17.55 -13.40 -9.92
N ASN A 307 16.47 -12.65 -9.79
CA ASN A 307 15.85 -12.03 -10.95
C ASN A 307 16.70 -10.91 -11.54
N PRO A 308 16.57 -10.61 -12.83
CA PRO A 308 17.06 -9.32 -13.34
C PRO A 308 16.11 -8.19 -13.05
N HIS A 309 14.86 -8.49 -12.71
CA HIS A 309 13.84 -7.48 -12.50
C HIS A 309 13.83 -7.00 -11.05
N LYS A 310 13.58 -7.91 -10.12
CA LYS A 310 13.43 -7.58 -8.72
C LYS A 310 13.97 -8.71 -7.86
N LYS A 311 15.03 -8.41 -7.10
CA LYS A 311 15.76 -9.40 -6.31
C LYS A 311 15.38 -9.22 -4.85
N ALA A 312 14.38 -9.98 -4.40
CA ALA A 312 14.08 -10.07 -2.98
C ALA A 312 15.29 -10.57 -2.22
N ASP A 313 15.33 -10.27 -0.93
CA ASP A 313 16.42 -10.64 -0.05
C ASP A 313 15.91 -11.44 1.14
N MET A 314 16.69 -12.45 1.53
CA MET A 314 16.30 -13.34 2.60
C MET A 314 16.20 -12.63 3.94
N ARG A 315 16.82 -11.46 4.07
CA ARG A 315 16.97 -10.78 5.34
C ARG A 315 15.86 -9.78 5.60
N ARG A 316 14.86 -9.68 4.74
CA ARG A 316 13.77 -8.74 4.98
C ARG A 316 12.98 -9.22 6.19
N GLN A 317 12.28 -8.30 6.84
CA GLN A 317 11.91 -8.45 8.23
C GLN A 317 10.41 -8.17 8.35
N ASP A 318 9.63 -9.18 8.74
CA ASP A 318 8.18 -9.07 8.74
C ASP A 318 7.70 -8.15 9.87
N SER A 319 6.37 -8.07 10.05
CA SER A 319 5.76 -7.24 11.09
C SER A 319 5.92 -7.82 12.49
N ARG A 320 6.62 -8.95 12.62
CA ARG A 320 6.92 -9.57 13.90
C ARG A 320 8.40 -9.77 14.13
N GLY A 321 9.25 -9.72 13.10
CA GLY A 321 10.67 -9.94 13.20
C GLY A 321 11.12 -11.24 12.56
N ASN A 322 10.25 -12.24 12.54
CA ASN A 322 10.63 -13.57 12.13
C ASN A 322 11.01 -13.60 10.66
N THR A 323 12.30 -13.81 10.40
CA THR A 323 12.81 -14.02 9.06
C THR A 323 12.19 -15.28 8.45
N VAL A 324 12.42 -15.48 7.15
CA VAL A 324 12.01 -16.71 6.49
C VAL A 324 12.59 -17.93 7.21
N LEU A 325 13.78 -17.79 7.77
CA LEU A 325 14.46 -18.92 8.40
C LEU A 325 13.77 -19.31 9.69
N HIS A 326 13.24 -18.32 10.43
CA HIS A 326 12.52 -18.61 11.66
C HIS A 326 11.02 -18.64 11.43
N ALA A 327 10.59 -18.71 10.17
CA ALA A 327 9.26 -19.21 9.84
C ALA A 327 9.27 -20.73 9.73
N LEU A 328 10.27 -21.29 9.03
CA LEU A 328 10.42 -22.72 8.86
C LEU A 328 10.47 -23.49 10.17
N VAL A 329 11.05 -22.90 11.23
CA VAL A 329 10.99 -23.50 12.56
C VAL A 329 9.77 -23.04 13.33
N ALA A 330 8.81 -22.40 12.66
CA ALA A 330 7.50 -22.08 13.22
C ALA A 330 6.39 -22.84 12.55
N ILE A 331 6.58 -23.24 11.28
CA ILE A 331 5.79 -24.31 10.68
C ILE A 331 6.62 -25.57 10.76
N ALA A 332 6.37 -26.38 11.77
CA ALA A 332 7.16 -27.57 12.01
C ALA A 332 6.29 -28.57 12.74
N ASP A 333 5.73 -29.49 11.97
CA ASP A 333 4.99 -30.63 12.49
C ASP A 333 5.90 -31.82 12.29
N ASN A 334 6.40 -32.38 13.38
CA ASN A 334 7.57 -33.25 13.31
C ASN A 334 7.24 -34.60 12.66
N THR A 335 6.90 -34.59 11.38
CA THR A 335 6.89 -35.77 10.55
C THR A 335 8.31 -36.02 10.06
N ARG A 336 8.46 -36.89 9.08
CA ARG A 336 9.68 -36.99 8.28
C ARG A 336 9.52 -36.41 6.88
N GLU A 337 8.33 -35.91 6.53
CA GLU A 337 8.16 -35.17 5.29
C GLU A 337 8.33 -33.68 5.56
N ASN A 338 7.74 -33.19 6.64
CA ASN A 338 7.93 -31.81 7.08
C ASN A 338 9.41 -31.52 7.31
N THR A 339 10.07 -32.35 8.13
CA THR A 339 11.44 -32.05 8.50
C THR A 339 12.42 -32.39 7.39
N LYS A 340 11.96 -33.00 6.30
CA LYS A 340 12.85 -33.20 5.17
C LYS A 340 13.06 -31.90 4.40
N PHE A 341 11.98 -31.30 3.89
CA PHE A 341 12.16 -30.15 3.01
C PHE A 341 12.47 -28.90 3.80
N VAL A 342 12.07 -28.86 5.07
CA VAL A 342 12.50 -27.78 5.96
C VAL A 342 14.02 -27.72 6.01
N THR A 343 14.66 -28.82 6.40
CA THR A 343 16.11 -28.84 6.50
C THR A 343 16.76 -28.74 5.13
N LYS A 344 16.04 -29.15 4.08
CA LYS A 344 16.56 -29.01 2.72
C LYS A 344 16.41 -27.58 2.24
N MET A 345 15.44 -26.85 2.80
CA MET A 345 15.19 -25.47 2.40
C MET A 345 15.84 -24.49 3.37
N TYR A 346 15.97 -24.88 4.64
CA TYR A 346 16.67 -24.06 5.62
C TYR A 346 18.17 -24.10 5.39
N ASP A 347 18.66 -25.13 4.70
CA ASP A 347 20.08 -25.21 4.38
C ASP A 347 20.37 -24.62 3.00
N LEU A 348 19.34 -24.21 2.27
CA LEU A 348 19.52 -23.58 0.97
C LEU A 348 19.77 -22.09 1.14
N LEU A 349 19.02 -21.46 2.05
CA LEU A 349 19.07 -20.02 2.20
C LEU A 349 20.28 -19.59 3.01
N LEU A 350 20.46 -20.16 4.19
CA LEU A 350 21.61 -19.93 5.05
C LEU A 350 22.93 -20.09 4.32
N ALA B 2 17.51 -6.35 3.49
CA ALA B 2 18.29 -5.58 4.49
C ALA B 2 17.45 -4.46 5.08
N ALA B 3 16.60 -3.88 4.24
CA ALA B 3 15.85 -2.70 4.63
C ALA B 3 14.75 -3.04 5.62
N ILE B 4 14.12 -1.98 6.15
CA ILE B 4 12.93 -2.08 6.97
C ILE B 4 11.90 -1.25 6.22
N ARG B 5 10.62 -1.36 6.58
CA ARG B 5 9.58 -0.66 5.85
C ARG B 5 8.42 -0.34 6.76
N LYS B 6 7.91 0.89 6.65
CA LYS B 6 6.82 1.39 7.47
C LYS B 6 5.68 1.82 6.55
N LYS B 7 4.54 2.14 7.15
CA LYS B 7 3.32 2.47 6.40
C LYS B 7 2.91 3.91 6.69
N LEU B 8 2.42 4.58 5.66
CA LEU B 8 2.15 6.01 5.72
C LEU B 8 0.75 6.32 5.20
N VAL B 9 -0.07 6.86 6.09
CA VAL B 9 -1.52 6.89 5.95
C VAL B 9 -1.98 8.35 5.96
N ILE B 10 -1.25 9.20 5.25
CA ILE B 10 -1.44 10.65 5.18
C ILE B 10 -2.90 11.06 5.15
N VAL B 11 -3.25 12.05 5.96
CA VAL B 11 -4.62 12.47 6.24
C VAL B 11 -4.71 13.96 5.94
N GLY B 12 -5.93 14.45 5.70
CA GLY B 12 -6.12 15.87 5.44
C GLY B 12 -7.55 16.30 5.71
N ASP B 13 -8.09 17.15 4.84
CA ASP B 13 -9.50 17.55 4.92
C ASP B 13 -10.10 17.62 3.51
N GLY B 14 -9.45 17.00 2.54
CA GLY B 14 -9.90 17.03 1.18
C GLY B 14 -9.44 18.28 0.45
N ALA B 15 -8.80 18.06 -0.69
CA ALA B 15 -8.27 19.15 -1.53
C ALA B 15 -7.32 20.07 -0.76
N CYS B 16 -6.67 19.56 0.30
CA CYS B 16 -5.57 20.29 0.91
C CYS B 16 -4.25 20.04 0.18
N GLY B 17 -4.26 19.23 -0.87
CA GLY B 17 -3.05 18.88 -1.58
C GLY B 17 -2.35 17.64 -1.08
N LYS B 18 -3.08 16.68 -0.50
CA LYS B 18 -2.47 15.44 -0.07
C LYS B 18 -1.79 14.74 -1.23
N THR B 19 -2.53 14.55 -2.31
CA THR B 19 -2.09 13.63 -3.34
C THR B 19 -1.00 14.25 -4.20
N CYS B 20 -1.14 15.52 -4.57
CA CYS B 20 -0.15 16.17 -5.43
C CYS B 20 1.23 16.19 -4.78
N LEU B 21 1.26 16.19 -3.45
CA LEU B 21 2.51 15.94 -2.74
C LEU B 21 3.04 14.55 -3.05
N LEU B 22 2.20 13.54 -2.82
CA LEU B 22 2.61 12.15 -2.95
C LEU B 22 3.14 11.85 -4.35
N ILE B 23 2.59 12.50 -5.37
CA ILE B 23 3.16 12.45 -6.72
C ILE B 23 4.62 12.83 -6.70
N VAL B 24 4.92 14.01 -6.14
CA VAL B 24 6.24 14.60 -6.29
C VAL B 24 7.30 13.77 -5.58
N PHE B 25 6.96 13.25 -4.40
CA PHE B 25 7.93 12.42 -3.69
C PHE B 25 8.07 11.07 -4.39
N SER B 26 6.95 10.53 -4.86
CA SER B 26 6.96 9.24 -5.54
C SER B 26 7.81 9.26 -6.80
N LYS B 27 7.44 10.07 -7.79
CA LYS B 27 8.11 10.02 -9.09
C LYS B 27 9.54 10.57 -9.00
N ASP B 28 9.71 11.67 -8.27
CA ASP B 28 11.01 12.34 -8.15
C ASP B 28 11.67 12.01 -6.83
N PRO B 36 -4.26 10.37 -10.68
CA PRO B 36 -3.56 11.19 -9.70
C PRO B 36 -4.45 11.50 -8.48
N THR B 37 -5.17 10.49 -8.01
CA THR B 37 -6.01 10.60 -6.83
C THR B 37 -5.73 9.47 -5.85
N VAL B 38 -5.28 8.31 -6.33
CA VAL B 38 -5.09 7.12 -5.52
C VAL B 38 -3.61 6.83 -5.38
N PHE B 39 -3.21 6.37 -4.20
CA PHE B 39 -1.91 5.74 -3.99
C PHE B 39 -2.11 4.54 -3.09
N GLU B 40 -1.91 3.35 -3.65
CA GLU B 40 -1.79 2.13 -2.86
C GLU B 40 -0.32 2.10 -2.42
N ASN B 41 0.19 0.98 -1.90
CA ASN B 41 1.56 0.93 -1.43
C ASN B 41 2.49 1.06 -2.64
N TYR B 42 2.65 2.30 -3.10
CA TYR B 42 3.67 2.62 -4.07
C TYR B 42 4.97 2.73 -3.28
N VAL B 43 5.62 1.60 -3.03
CA VAL B 43 6.74 1.54 -2.11
C VAL B 43 7.87 2.42 -2.63
N ALA B 44 8.16 3.48 -1.89
CA ALA B 44 9.20 4.44 -2.21
C ALA B 44 10.39 4.23 -1.29
N ASP B 45 11.59 4.46 -1.83
CA ASP B 45 12.83 4.21 -1.13
C ASP B 45 13.47 5.53 -0.74
N ILE B 46 13.84 5.65 0.53
CA ILE B 46 14.40 6.88 1.07
C ILE B 46 15.50 6.53 2.07
N GLU B 47 16.60 7.28 1.99
CA GLU B 47 17.76 7.07 2.86
C GLU B 47 17.69 8.10 3.97
N VAL B 48 17.20 7.68 5.15
CA VAL B 48 16.96 8.63 6.23
C VAL B 48 18.27 9.03 6.91
N ASP B 49 18.98 8.07 7.50
CA ASP B 49 20.19 8.34 8.27
C ASP B 49 21.25 7.26 8.06
N GLY B 50 21.13 6.45 7.01
CA GLY B 50 22.03 5.36 6.76
C GLY B 50 21.38 4.00 6.94
N LYS B 51 20.11 3.88 6.55
CA LYS B 51 19.36 2.64 6.74
C LYS B 51 18.74 2.17 5.43
N GLN B 52 18.56 3.07 4.47
CA GLN B 52 17.98 2.72 3.17
C GLN B 52 16.59 2.13 3.36
N VAL B 53 15.65 2.97 3.81
CA VAL B 53 14.34 2.51 4.25
C VAL B 53 13.31 2.72 3.15
N GLU B 54 12.42 1.75 3.03
CA GLU B 54 11.25 1.83 2.16
C GLU B 54 10.11 2.42 2.97
N LEU B 55 9.22 3.15 2.29
CA LEU B 55 8.13 3.87 2.97
C LEU B 55 6.85 3.71 2.15
N ALA B 56 5.88 2.99 2.72
CA ALA B 56 4.64 2.63 2.03
C ALA B 56 3.60 3.75 2.20
N LEU B 57 3.14 4.26 1.07
CA LEU B 57 2.37 5.50 1.01
C LEU B 57 0.88 5.27 0.80
N TRP B 58 0.14 5.06 1.90
CA TRP B 58 -1.31 4.88 1.85
C TRP B 58 -2.08 6.19 1.81
N ASP B 59 -2.18 6.82 0.64
CA ASP B 59 -3.04 7.98 0.52
C ASP B 59 -4.49 7.60 0.78
N THR B 60 -5.23 8.46 1.48
CA THR B 60 -6.61 8.21 1.88
C THR B 60 -7.53 9.19 1.16
N ALA B 61 -8.83 8.93 1.22
CA ALA B 61 -9.80 9.61 0.39
C ALA B 61 -9.89 11.11 0.67
N GLY B 62 -10.37 11.47 1.86
CA GLY B 62 -10.58 12.86 2.21
C GLY B 62 -11.90 13.09 2.92
N GLN B 63 -12.72 13.99 2.38
CA GLN B 63 -14.03 14.30 2.92
C GLN B 63 -15.16 13.75 2.04
N GLU B 64 -14.92 12.61 1.38
CA GLU B 64 -15.90 11.99 0.50
C GLU B 64 -16.77 10.98 1.24
N ASP B 65 -16.89 11.13 2.57
CA ASP B 65 -17.54 10.22 3.51
C ASP B 65 -17.30 8.75 3.16
N TYR B 66 -16.04 8.42 2.87
CA TYR B 66 -15.62 7.05 2.56
C TYR B 66 -15.15 6.34 3.83
N ASP B 67 -15.81 6.63 4.96
CA ASP B 67 -15.64 5.89 6.21
C ASP B 67 -15.86 4.38 6.03
N ARG B 68 -16.52 3.98 4.95
CA ARG B 68 -16.56 2.59 4.54
C ARG B 68 -15.15 2.03 4.41
N LEU B 69 -14.26 2.77 3.74
CA LEU B 69 -12.94 2.28 3.37
C LEU B 69 -11.84 2.96 4.18
N ARG B 70 -12.07 4.18 4.67
CA ARG B 70 -11.10 4.96 5.44
C ARG B 70 -10.46 4.18 6.58
N PRO B 71 -11.22 3.44 7.42
CA PRO B 71 -10.57 2.80 8.57
C PRO B 71 -9.85 1.50 8.25
N LEU B 72 -10.00 1.01 7.03
CA LEU B 72 -9.33 -0.21 6.60
C LEU B 72 -7.85 0.02 6.28
N SER B 73 -7.38 1.26 6.33
CA SER B 73 -5.99 1.59 6.05
C SER B 73 -5.16 1.81 7.31
N TYR B 74 -5.79 2.31 8.37
CA TYR B 74 -5.05 2.65 9.58
C TYR B 74 -4.38 1.49 10.31
N PRO B 75 -4.86 0.22 10.26
CA PRO B 75 -4.18 -0.82 11.06
C PRO B 75 -2.72 -1.00 10.69
N ASP B 76 -1.87 -1.04 11.72
CA ASP B 76 -0.43 -1.06 11.55
C ASP B 76 0.05 0.17 10.78
N THR B 77 -0.35 1.35 11.24
CA THR B 77 0.12 2.62 10.71
C THR B 77 1.02 3.21 11.79
N ASP B 78 2.10 3.87 11.36
CA ASP B 78 3.04 4.43 12.33
C ASP B 78 3.75 5.72 11.93
N VAL B 79 3.25 6.47 10.94
CA VAL B 79 3.94 7.71 10.55
C VAL B 79 3.02 8.87 10.13
N ILE B 80 1.80 8.95 10.68
CA ILE B 80 0.69 9.80 10.19
C ILE B 80 1.11 11.23 9.84
N LEU B 81 0.45 11.79 8.82
CA LEU B 81 0.77 13.09 8.21
C LEU B 81 -0.45 14.03 8.09
N MET B 82 -1.03 14.47 9.21
CA MET B 82 -2.25 15.27 9.15
C MET B 82 -2.04 16.57 8.39
N CYS B 83 -2.48 16.59 7.14
CA CYS B 83 -2.40 17.77 6.28
C CYS B 83 -3.32 18.91 6.70
N PHE B 84 -2.91 20.13 6.38
CA PHE B 84 -3.84 21.23 6.18
C PHE B 84 -3.34 22.04 4.99
N SER B 85 -4.03 23.14 4.68
CA SER B 85 -3.63 24.03 3.59
C SER B 85 -3.41 25.44 4.14
N ILE B 86 -2.36 26.08 3.62
CA ILE B 86 -2.03 27.44 4.01
C ILE B 86 -3.04 28.45 3.50
N ASP B 87 -3.60 28.22 2.32
CA ASP B 87 -4.73 29.03 1.85
C ASP B 87 -6.06 28.53 2.39
N SER B 88 -6.04 27.57 3.33
CA SER B 88 -7.21 27.20 4.09
C SER B 88 -7.11 27.87 5.47
N PRO B 89 -7.99 28.83 5.76
CA PRO B 89 -8.03 29.40 7.12
C PRO B 89 -8.69 28.43 8.09
N ASP B 90 -9.14 28.89 9.26
CA ASP B 90 -9.52 28.05 10.40
C ASP B 90 -10.48 26.89 10.09
N SER B 91 -10.99 26.81 8.85
CA SER B 91 -11.36 25.54 8.25
C SER B 91 -10.29 24.47 8.50
N LEU B 92 -9.01 24.89 8.55
CA LEU B 92 -7.90 24.12 9.12
C LEU B 92 -8.29 23.35 10.37
N GLU B 93 -9.14 23.93 11.22
CA GLU B 93 -9.52 23.32 12.49
C GLU B 93 -10.58 22.24 12.28
N ASN B 94 -10.33 21.31 11.37
CA ASN B 94 -10.92 19.99 11.42
C ASN B 94 -10.01 18.99 12.13
N ILE B 95 -8.79 19.39 12.51
CA ILE B 95 -7.80 18.48 13.05
C ILE B 95 -8.27 17.98 14.42
N PRO B 96 -8.53 18.85 15.42
CA PRO B 96 -9.05 18.32 16.70
C PRO B 96 -10.51 17.93 16.62
N GLU B 97 -11.18 18.25 15.51
CA GLU B 97 -12.61 18.05 15.36
C GLU B 97 -12.92 16.66 14.81
N LYS B 98 -12.35 16.33 13.64
CA LYS B 98 -12.69 15.11 12.93
C LYS B 98 -11.51 14.15 12.88
N TRP B 99 -10.33 14.64 12.50
CA TRP B 99 -9.27 13.76 12.07
C TRP B 99 -8.39 13.27 13.22
N THR B 100 -8.15 14.11 14.22
CA THR B 100 -7.33 13.68 15.33
C THR B 100 -8.09 12.72 16.26
N PRO B 101 -9.39 12.95 16.56
CA PRO B 101 -10.09 11.96 17.38
C PRO B 101 -10.29 10.64 16.63
N GLU B 102 -10.28 10.68 15.30
CA GLU B 102 -10.42 9.48 14.50
C GLU B 102 -9.15 8.64 14.44
N VAL B 103 -7.97 9.25 14.31
CA VAL B 103 -6.72 8.52 14.46
C VAL B 103 -6.38 8.27 15.93
N LYS B 104 -7.16 8.82 16.85
CA LYS B 104 -7.03 8.53 18.27
C LYS B 104 -7.73 7.22 18.63
N HIS B 105 -8.62 6.75 17.75
CA HIS B 105 -9.44 5.57 18.03
C HIS B 105 -9.13 4.41 17.10
N PHE B 106 -8.48 4.68 15.96
CA PHE B 106 -8.14 3.66 14.98
C PHE B 106 -6.64 3.45 14.85
N CYS B 107 -5.82 4.21 15.57
CA CYS B 107 -4.42 3.82 15.81
C CYS B 107 -4.04 4.34 17.19
N PRO B 108 -3.65 3.47 18.16
CA PRO B 108 -3.57 3.93 19.56
C PRO B 108 -2.62 5.10 19.83
N ASN B 109 -1.35 4.94 19.52
CA ASN B 109 -0.35 5.95 19.81
C ASN B 109 0.80 5.86 18.81
N VAL B 110 0.81 6.79 17.86
CA VAL B 110 1.80 6.79 16.80
C VAL B 110 2.24 8.23 16.55
N PRO B 111 3.29 8.48 15.78
CA PRO B 111 3.67 9.85 15.46
C PRO B 111 2.64 10.58 14.62
N ILE B 112 2.62 11.90 14.73
CA ILE B 112 1.74 12.75 13.94
C ILE B 112 2.53 13.97 13.49
N ILE B 113 3.08 13.92 12.28
CA ILE B 113 3.81 15.06 11.71
C ILE B 113 2.87 15.89 10.85
N LEU B 114 2.59 17.11 11.29
CA LEU B 114 1.54 17.91 10.70
C LEU B 114 2.04 18.70 9.48
N VAL B 115 1.63 18.25 8.29
CA VAL B 115 1.79 18.91 7.00
C VAL B 115 0.82 20.10 7.02
N GLY B 116 0.62 20.79 5.90
CA GLY B 116 0.51 22.24 5.85
C GLY B 116 1.08 22.84 4.57
N ASN B 117 1.00 22.07 3.48
CA ASN B 117 1.48 22.39 2.15
C ASN B 117 0.79 23.62 1.57
N LYS B 118 1.15 23.93 0.33
CA LYS B 118 0.71 25.11 -0.41
C LYS B 118 1.30 26.34 0.25
N LYS B 119 2.54 26.22 0.70
CA LYS B 119 3.27 27.34 1.30
C LYS B 119 3.62 28.38 0.23
N ASP B 120 3.53 28.02 -1.04
CA ASP B 120 3.72 28.97 -2.13
C ASP B 120 2.38 29.53 -2.60
N LEU B 121 1.40 29.60 -1.70
CA LEU B 121 0.13 30.27 -1.98
C LEU B 121 -0.10 31.41 -1.00
N ARG B 122 0.73 31.52 0.03
CA ARG B 122 0.90 32.78 0.72
C ARG B 122 1.92 33.60 -0.05
N ASN B 123 1.60 34.87 -0.32
CA ASN B 123 2.08 35.75 -1.40
C ASN B 123 1.37 35.47 -2.72
N ASP B 124 0.19 34.86 -2.67
CA ASP B 124 -0.63 34.67 -3.87
C ASP B 124 -1.59 35.83 -4.03
N GLU B 125 -1.18 36.85 -4.78
CA GLU B 125 -2.00 38.04 -5.03
C GLU B 125 -3.35 37.65 -5.64
N HIS B 126 -3.39 36.58 -6.43
CA HIS B 126 -4.63 36.13 -7.03
C HIS B 126 -5.64 35.72 -5.97
N THR B 127 -5.31 34.71 -5.17
CA THR B 127 -6.20 34.25 -4.11
C THR B 127 -6.13 35.12 -2.88
N ARG B 128 -5.21 36.07 -2.79
CA ARG B 128 -5.26 37.04 -1.70
C ARG B 128 -6.55 37.84 -1.75
N ARG B 129 -6.91 38.33 -2.95
CA ARG B 129 -8.14 39.09 -3.10
C ARG B 129 -9.36 38.22 -2.84
N GLU B 130 -9.28 36.93 -3.21
CA GLU B 130 -10.34 35.99 -2.83
C GLU B 130 -10.42 35.86 -1.32
N LEU B 131 -9.34 35.38 -0.70
CA LEU B 131 -9.30 35.15 0.74
C LEU B 131 -9.40 36.44 1.55
N ALA B 132 -9.15 37.60 0.93
CA ALA B 132 -9.41 38.87 1.61
C ALA B 132 -10.91 39.14 1.66
N LYS B 133 -11.61 38.87 0.56
CA LYS B 133 -13.07 38.95 0.55
C LYS B 133 -13.67 38.01 1.58
N MET B 134 -13.03 36.87 1.81
CA MET B 134 -13.51 35.90 2.79
C MET B 134 -13.44 36.43 4.22
N LYS B 135 -12.65 37.50 4.45
CA LYS B 135 -12.36 38.09 5.76
C LYS B 135 -11.41 37.22 6.58
N GLN B 136 -11.08 36.03 6.08
CA GLN B 136 -10.53 34.97 6.93
C GLN B 136 -9.02 35.14 7.16
N GLU B 137 -8.33 35.80 6.23
CA GLU B 137 -6.95 36.23 6.47
C GLU B 137 -6.04 35.04 6.76
N PRO B 138 -5.58 34.30 5.72
CA PRO B 138 -4.97 32.97 5.92
C PRO B 138 -3.88 32.86 6.99
N VAL B 139 -3.56 31.61 7.31
CA VAL B 139 -3.02 31.23 8.60
C VAL B 139 -1.60 31.74 8.80
N LYS B 140 -1.17 31.69 10.06
CA LYS B 140 0.15 31.98 10.61
C LYS B 140 0.84 30.67 10.96
N PRO B 141 2.19 30.60 10.92
CA PRO B 141 2.85 29.35 11.36
C PRO B 141 2.62 29.10 12.84
N GLU B 142 2.74 30.17 13.63
CA GLU B 142 2.43 30.11 15.06
C GLU B 142 1.01 29.65 15.32
N GLU B 143 0.09 29.88 14.39
CA GLU B 143 -1.29 29.43 14.58
C GLU B 143 -1.37 27.90 14.57
N GLY B 144 -0.73 27.28 13.59
CA GLY B 144 -0.66 25.82 13.53
C GLY B 144 0.45 25.21 14.36
N ARG B 145 1.48 25.98 14.68
CA ARG B 145 2.45 25.53 15.67
C ARG B 145 1.76 25.21 16.99
N ASP B 146 0.80 26.05 17.38
CA ASP B 146 0.00 25.76 18.57
C ASP B 146 -0.89 24.55 18.36
N MET B 147 -1.43 24.40 17.14
CA MET B 147 -2.13 23.17 16.80
C MET B 147 -1.21 21.97 16.93
N ALA B 148 0.07 22.16 16.59
CA ALA B 148 1.07 21.11 16.74
C ALA B 148 1.32 20.86 18.22
N ASN B 149 1.49 21.93 19.00
CA ASN B 149 1.65 21.81 20.44
C ASN B 149 0.41 21.20 21.06
N ARG B 150 -0.76 21.49 20.48
CA ARG B 150 -2.03 20.99 21.01
C ARG B 150 -2.09 19.47 20.93
N ILE B 151 -1.59 18.89 19.86
CA ILE B 151 -1.76 17.47 19.58
C ILE B 151 -0.67 16.62 20.22
N GLY B 152 0.56 17.12 20.19
CA GLY B 152 1.72 16.27 20.41
C GLY B 152 2.13 15.68 19.08
N ALA B 153 3.41 15.90 18.75
CA ALA B 153 3.89 15.61 17.40
C ALA B 153 5.38 15.36 17.35
N PHE B 154 5.92 15.17 16.14
CA PHE B 154 7.35 15.03 15.90
C PHE B 154 7.77 15.92 14.73
N GLY B 155 7.05 17.04 14.55
CA GLY B 155 7.42 18.00 13.53
C GLY B 155 6.26 18.83 13.03
N TYR B 156 6.57 20.01 12.51
CA TYR B 156 5.60 20.92 11.92
C TYR B 156 6.17 21.54 10.63
N MET B 157 6.78 20.70 9.80
CA MET B 157 7.29 21.18 8.52
C MET B 157 6.09 21.56 7.67
N GLU B 158 6.14 22.69 6.96
CA GLU B 158 4.88 23.21 6.47
C GLU B 158 4.42 22.40 5.26
N CYS B 159 4.87 22.74 4.05
CA CYS B 159 5.27 21.83 2.96
C CYS B 159 5.19 22.67 1.69
N SER B 160 5.54 22.09 0.54
CA SER B 160 5.22 22.72 -0.74
C SER B 160 5.30 21.70 -1.87
N ALA B 161 4.42 21.80 -2.86
CA ALA B 161 4.26 20.74 -3.86
C ALA B 161 4.69 21.15 -5.26
N LYS B 162 4.08 22.19 -5.82
CA LYS B 162 4.47 22.65 -7.15
C LYS B 162 5.89 23.19 -7.11
N THR B 163 6.12 24.20 -6.28
CA THR B 163 7.47 24.59 -5.92
C THR B 163 8.11 23.64 -4.93
N LYS B 164 9.24 23.04 -5.28
CA LYS B 164 9.89 22.00 -4.49
C LYS B 164 10.63 22.68 -3.33
N ASP B 165 11.57 21.99 -2.69
CA ASP B 165 12.21 22.49 -1.47
C ASP B 165 11.16 22.60 -0.36
N GLY B 166 10.74 21.45 0.17
CA GLY B 166 9.61 21.38 1.07
C GLY B 166 8.86 20.06 1.01
N VAL B 167 9.16 19.21 0.01
CA VAL B 167 8.66 17.84 0.02
C VAL B 167 9.63 16.92 0.74
N ARG B 168 10.93 17.16 0.54
CA ARG B 168 11.95 16.22 1.00
C ARG B 168 12.00 16.13 2.52
N GLU B 169 12.17 17.27 3.18
CA GLU B 169 12.38 17.28 4.62
C GLU B 169 11.16 16.81 5.40
N VAL B 170 9.98 16.79 4.76
CA VAL B 170 8.77 16.39 5.48
C VAL B 170 8.82 14.91 5.80
N PHE B 171 9.43 14.12 4.91
CA PHE B 171 9.53 12.68 5.14
C PHE B 171 10.67 12.34 6.08
N GLU B 172 11.65 13.24 6.22
CA GLU B 172 12.72 13.03 7.18
C GLU B 172 12.17 13.01 8.60
N MET B 173 11.50 14.10 8.99
CA MET B 173 10.92 14.18 10.33
C MET B 173 9.80 13.15 10.51
N ALA B 174 9.21 12.69 9.41
CA ALA B 174 8.15 11.69 9.48
C ALA B 174 8.73 10.30 9.75
N THR B 175 9.58 9.82 8.84
CA THR B 175 10.21 8.51 8.93
C THR B 175 10.86 8.27 10.29
N ARG B 176 11.66 9.24 10.74
CA ARG B 176 12.46 9.10 11.95
C ARG B 176 11.58 8.85 13.16
N ALA B 177 10.34 9.32 13.13
CA ALA B 177 9.42 9.11 14.24
C ALA B 177 8.86 7.70 14.22
N ALA B 178 8.76 7.08 13.05
CA ALA B 178 8.25 5.72 12.94
C ALA B 178 9.31 4.73 13.42
N LEU B 179 10.58 5.07 13.24
CA LEU B 179 11.69 4.24 13.71
C LEU B 179 11.86 4.27 15.23
N GLN B 180 11.04 5.07 15.93
CA GLN B 180 11.14 5.17 17.38
C GLN B 180 10.51 3.93 18.01
N ALA B 181 10.29 3.96 19.33
CA ALA B 181 9.62 2.87 20.01
C ALA B 181 8.23 2.64 19.44
N ARG B 182 7.64 1.52 19.82
CA ARG B 182 6.37 1.06 19.25
C ARG B 182 6.49 0.95 17.74
#